data_5VE6
#
_entry.id   5VE6
#
_cell.length_a   144.683
_cell.length_b   144.683
_cell.length_c   47.445
_cell.angle_alpha   90.000
_cell.angle_beta   90.000
_cell.angle_gamma   90.000
#
_symmetry.space_group_name_H-M   'P 43 21 2'
#
loop_
_entity.id
_entity.type
_entity.pdbx_description
1 polymer 'Tyrosine-protein kinase SgK223'
2 water water
#
_entity_poly.entity_id   1
_entity_poly.type   'polypeptide(L)'
_entity_poly.pdbx_seq_one_letter_code
;MHHHHHHHHGSENLYFQGSGSTQLQLHGLLSNISSKEGTYAKLGGLYTQSLARLVAKCEDLFMGGQKKELHFNENNWSLF
KLTCNKPCCDSGDAIYYCATCSEDPGSTYAVKICKAPEPKTVSYCSPSVPVHFNIQQDCGHFVASVPSSMLSSPDAPKDP
VPALPTHPPAQEQDCVVVITREVPHQTASDFVRDSAASHQAEPEAYERRVCFLLLQLCNGLEHLKEHGIIHRDLCLENLL
LVHCTLQAGPGPAPAPAPAPAAAAPPCSSAAPPAGGTLSPAAGPASPEGPREKQLPRLIISNFLKAKQKPGGTPNLQQKK
SQARLAPEIVSASQYRKFDEFQTGILIYELLHQPNPFEVRAQLRERDYRQEDLPPLPALSLYSPGLQQLAHLLLEADPIK
RIRIGEAKRVLQCLLWGPRRELVQQPGTSEEALCGTLHNWIDMKRALMMMKFAEKAVDRRRGVELEDWLCCQYLASAEPG
ALLQSLKLLQLL
;
_entity_poly.pdbx_strand_id   A
#
# COMPACT_ATOMS: atom_id res chain seq x y z
N ASN A 32 40.69 -18.27 8.89
CA ASN A 32 40.12 -16.93 9.02
C ASN A 32 39.00 -16.91 10.05
N ILE A 33 38.66 -18.09 10.55
CA ILE A 33 37.54 -18.27 11.47
C ILE A 33 38.04 -18.29 12.93
N SER A 34 39.28 -17.87 13.11
CA SER A 34 39.91 -17.85 14.43
C SER A 34 39.45 -16.66 15.28
N SER A 35 39.27 -15.50 14.65
CA SER A 35 38.82 -14.30 15.34
C SER A 35 37.30 -14.31 15.53
N LYS A 36 36.84 -14.08 16.76
CA LYS A 36 35.41 -14.18 17.06
C LYS A 36 34.57 -13.19 16.24
N GLU A 37 34.82 -11.91 16.47
CA GLU A 37 34.06 -10.84 15.84
C GLU A 37 34.39 -10.69 14.37
N GLY A 38 35.46 -11.33 13.92
CA GLY A 38 35.78 -11.33 12.50
C GLY A 38 34.80 -12.24 11.78
N THR A 39 34.46 -13.32 12.48
CA THR A 39 33.55 -14.34 11.97
C THR A 39 32.11 -13.86 12.07
N TYR A 40 31.81 -13.19 13.18
CA TYR A 40 30.47 -12.70 13.42
C TYR A 40 30.19 -11.46 12.57
N ALA A 41 31.24 -10.75 12.19
CA ALA A 41 31.10 -9.68 11.21
C ALA A 41 30.99 -10.29 9.81
N LYS A 42 31.53 -11.50 9.66
CA LYS A 42 31.40 -12.24 8.41
C LYS A 42 29.96 -12.74 8.27
N LEU A 43 29.37 -13.17 9.38
CA LEU A 43 27.98 -13.61 9.39
C LEU A 43 27.03 -12.47 9.06
N GLY A 44 27.26 -11.32 9.69
CA GLY A 44 26.41 -10.14 9.50
C GLY A 44 26.24 -9.73 8.05
N GLY A 45 27.24 -10.03 7.24
CA GLY A 45 27.17 -9.76 5.81
C GLY A 45 26.33 -10.79 5.08
N LEU A 46 26.36 -12.03 5.57
CA LEU A 46 25.65 -13.12 4.91
C LEU A 46 24.16 -13.11 5.24
N TYR A 47 23.76 -12.42 6.30
CA TYR A 47 22.36 -12.19 6.57
C TYR A 47 21.83 -11.22 5.52
N THR A 48 22.63 -10.21 5.23
CA THR A 48 22.31 -9.24 4.20
C THR A 48 22.19 -9.95 2.86
N GLN A 49 23.09 -10.91 2.65
CA GLN A 49 23.13 -11.70 1.43
C GLN A 49 21.84 -12.49 1.23
N SER A 50 21.50 -13.31 2.22
CA SER A 50 20.31 -14.16 2.13
C SER A 50 19.02 -13.35 2.08
N LEU A 51 18.96 -12.29 2.88
CA LEU A 51 17.75 -11.48 2.95
C LEU A 51 17.42 -10.81 1.61
N ALA A 52 18.46 -10.41 0.88
CA ALA A 52 18.26 -9.87 -0.46
C ALA A 52 17.77 -10.96 -1.39
N ARG A 53 18.27 -12.17 -1.16
CA ARG A 53 17.88 -13.34 -1.95
C ARG A 53 16.46 -13.77 -1.62
N LEU A 54 16.09 -13.66 -0.34
CA LEU A 54 14.75 -13.97 0.11
C LEU A 54 13.71 -13.02 -0.50
N VAL A 55 14.05 -11.74 -0.54
CA VAL A 55 13.17 -10.74 -1.13
C VAL A 55 12.96 -11.03 -2.62
N ALA A 56 14.04 -11.41 -3.30
CA ALA A 56 13.99 -11.73 -4.72
C ALA A 56 13.05 -12.90 -4.98
N LYS A 57 13.17 -13.95 -4.18
CA LYS A 57 12.37 -15.14 -4.36
C LYS A 57 10.92 -14.93 -3.90
N CYS A 58 10.74 -14.15 -2.83
CA CYS A 58 9.40 -13.78 -2.39
C CYS A 58 8.67 -13.01 -3.48
N GLU A 59 9.41 -12.18 -4.20
CA GLU A 59 8.86 -11.41 -5.30
C GLU A 59 8.42 -12.36 -6.43
N ASP A 60 9.18 -13.42 -6.63
CA ASP A 60 8.83 -14.44 -7.62
C ASP A 60 7.52 -15.11 -7.22
N LEU A 61 7.39 -15.44 -5.95
CA LEU A 61 6.22 -16.17 -5.44
C LEU A 61 4.92 -15.38 -5.62
N PHE A 62 4.87 -14.17 -5.08
CA PHE A 62 3.63 -13.40 -5.04
C PHE A 62 3.27 -12.78 -6.40
N MET A 63 4.22 -12.72 -7.32
CA MET A 63 3.95 -12.23 -8.66
C MET A 63 3.73 -13.38 -9.64
N GLY A 64 4.54 -13.42 -10.69
CA GLY A 64 4.42 -14.45 -11.70
C GLY A 64 5.31 -15.66 -11.42
N PHE A 72 -5.23 -8.26 -25.23
CA PHE A 72 -6.62 -8.47 -25.63
C PHE A 72 -7.22 -7.22 -26.27
N ASN A 73 -8.16 -7.41 -27.18
CA ASN A 73 -8.85 -6.31 -27.85
C ASN A 73 -10.36 -6.54 -27.86
N GLU A 74 -11.08 -5.71 -28.61
CA GLU A 74 -12.54 -5.88 -28.73
C GLU A 74 -12.87 -7.19 -29.44
N ASN A 75 -11.95 -7.64 -30.29
CA ASN A 75 -12.12 -8.90 -31.01
C ASN A 75 -11.89 -10.10 -30.11
N ASN A 76 -10.98 -9.95 -29.15
CA ASN A 76 -10.59 -11.05 -28.28
C ASN A 76 -11.61 -11.33 -27.17
N TRP A 77 -12.59 -10.45 -27.03
CA TRP A 77 -13.57 -10.54 -25.96
C TRP A 77 -14.38 -11.83 -26.02
N SER A 78 -14.40 -12.46 -27.19
CA SER A 78 -15.09 -13.74 -27.35
C SER A 78 -14.46 -14.82 -26.48
N LEU A 79 -13.18 -14.66 -26.18
CA LEU A 79 -12.43 -15.64 -25.40
C LEU A 79 -12.84 -15.66 -23.93
N PHE A 80 -13.56 -14.63 -23.50
CA PHE A 80 -13.87 -14.45 -22.08
C PHE A 80 -15.25 -14.96 -21.70
N LYS A 81 -15.44 -15.17 -20.40
CA LYS A 81 -16.67 -15.72 -19.86
C LYS A 81 -16.84 -15.34 -18.38
N LEU A 82 -17.84 -14.53 -18.09
CA LEU A 82 -18.11 -14.13 -16.71
C LEU A 82 -18.52 -15.34 -15.88
N THR A 83 -17.91 -15.49 -14.71
CA THR A 83 -18.16 -16.64 -13.85
C THR A 83 -19.57 -16.64 -13.27
N CYS A 84 -20.04 -15.47 -12.84
CA CYS A 84 -21.39 -15.36 -12.29
C CYS A 84 -22.02 -14.00 -12.60
N ASN A 85 -23.29 -13.85 -12.24
CA ASN A 85 -24.04 -12.63 -12.53
C ASN A 85 -23.84 -11.54 -11.48
N LYS A 86 -23.17 -11.88 -10.39
CA LYS A 86 -22.96 -10.92 -9.31
C LYS A 86 -21.58 -10.28 -9.40
N PRO A 87 -21.51 -8.97 -9.11
CA PRO A 87 -20.22 -8.27 -9.07
C PRO A 87 -19.43 -8.68 -7.83
N CYS A 88 -18.11 -8.60 -7.90
CA CYS A 88 -17.27 -8.95 -6.78
C CYS A 88 -16.79 -7.70 -6.06
N CYS A 89 -16.91 -6.55 -6.72
CA CYS A 89 -16.46 -5.29 -6.17
C CYS A 89 -17.07 -4.10 -6.90
N ASP A 90 -17.40 -3.06 -6.14
CA ASP A 90 -17.94 -1.82 -6.70
C ASP A 90 -17.22 -0.63 -6.07
N SER A 91 -16.54 0.15 -6.91
CA SER A 91 -15.67 1.21 -6.41
C SER A 91 -16.12 2.61 -6.81
N GLY A 92 -17.36 2.72 -7.29
CA GLY A 92 -17.89 4.00 -7.72
C GLY A 92 -17.37 4.42 -9.09
N ASP A 93 -16.05 4.39 -9.25
CA ASP A 93 -15.41 4.68 -10.53
C ASP A 93 -15.64 3.53 -11.51
N ALA A 94 -15.75 2.32 -10.98
CA ALA A 94 -15.94 1.14 -11.81
C ALA A 94 -16.56 -0.01 -11.00
N ILE A 95 -17.08 -1.00 -11.71
CA ILE A 95 -17.61 -2.20 -11.07
C ILE A 95 -16.90 -3.43 -11.64
N TYR A 96 -16.65 -4.43 -10.78
CA TYR A 96 -15.82 -5.55 -11.18
C TYR A 96 -16.55 -6.90 -11.25
N TYR A 97 -16.22 -7.66 -12.28
CA TYR A 97 -16.78 -8.99 -12.48
C TYR A 97 -15.67 -9.99 -12.80
N CYS A 98 -15.61 -11.08 -12.06
CA CYS A 98 -14.63 -12.12 -12.33
C CYS A 98 -14.95 -12.84 -13.64
N ALA A 99 -13.92 -13.13 -14.42
CA ALA A 99 -14.09 -13.81 -15.70
C ALA A 99 -12.98 -14.83 -15.94
N THR A 100 -13.25 -15.78 -16.84
CA THR A 100 -12.24 -16.75 -17.25
C THR A 100 -11.90 -16.56 -18.72
N CYS A 101 -10.70 -16.96 -19.10
CA CYS A 101 -10.27 -16.85 -20.49
C CYS A 101 -9.98 -18.22 -21.08
N SER A 102 -10.49 -18.46 -22.29
CA SER A 102 -10.29 -19.75 -22.96
C SER A 102 -8.86 -19.90 -23.46
N GLU A 103 -8.23 -18.77 -23.76
CA GLU A 103 -6.83 -18.76 -24.21
C GLU A 103 -5.89 -18.99 -23.04
N ASP A 104 -6.36 -18.63 -21.84
CA ASP A 104 -5.57 -18.81 -20.62
C ASP A 104 -6.38 -19.58 -19.58
N PRO A 105 -6.41 -20.91 -19.70
CA PRO A 105 -7.16 -21.73 -18.74
C PRO A 105 -6.42 -21.88 -17.41
N GLY A 106 -7.18 -22.01 -16.32
CA GLY A 106 -6.59 -22.20 -15.01
C GLY A 106 -6.47 -20.94 -14.18
N SER A 107 -6.50 -19.78 -14.83
CA SER A 107 -6.42 -18.51 -14.13
C SER A 107 -7.66 -17.66 -14.36
N THR A 108 -7.86 -16.66 -13.50
CA THR A 108 -9.04 -15.80 -13.58
C THR A 108 -8.66 -14.35 -13.81
N TYR A 109 -9.50 -13.64 -14.57
CA TYR A 109 -9.30 -12.22 -14.82
C TYR A 109 -10.42 -11.41 -14.20
N ALA A 110 -10.17 -10.11 -14.00
CA ALA A 110 -11.20 -9.22 -13.48
C ALA A 110 -11.64 -8.25 -14.57
N VAL A 111 -12.94 -8.24 -14.84
CA VAL A 111 -13.48 -7.34 -15.86
C VAL A 111 -13.88 -6.02 -15.20
N LYS A 112 -13.12 -4.97 -15.48
CA LYS A 112 -13.37 -3.65 -14.92
C LYS A 112 -14.29 -2.84 -15.82
N ILE A 113 -15.52 -2.65 -15.37
CA ILE A 113 -16.50 -1.88 -16.13
C ILE A 113 -16.57 -0.45 -15.60
N CYS A 114 -15.99 0.47 -16.36
CA CYS A 114 -15.91 1.86 -15.93
C CYS A 114 -17.24 2.59 -16.10
N LYS A 115 -17.57 3.44 -15.13
CA LYS A 115 -18.83 4.16 -15.12
C LYS A 115 -18.80 5.43 -15.98
N ALA A 116 -17.61 5.77 -16.49
CA ALA A 116 -17.44 6.96 -17.32
C ALA A 116 -18.13 6.81 -18.67
N PRO A 117 -18.93 7.82 -19.05
CA PRO A 117 -19.68 7.82 -20.31
C PRO A 117 -18.83 8.23 -21.51
N SER A 128 -0.21 4.15 -18.60
CA SER A 128 0.69 3.06 -18.98
C SER A 128 1.74 2.83 -17.89
N VAL A 129 1.71 1.65 -17.29
CA VAL A 129 2.55 1.35 -16.14
C VAL A 129 3.48 0.15 -16.34
N PRO A 130 4.70 0.22 -15.77
CA PRO A 130 5.51 -0.98 -15.55
C PRO A 130 4.91 -1.79 -14.40
N VAL A 131 5.20 -3.08 -14.37
CA VAL A 131 4.53 -3.99 -13.43
C VAL A 131 4.98 -3.80 -11.99
N HIS A 132 4.02 -3.80 -11.07
CA HIS A 132 4.31 -3.75 -9.64
C HIS A 132 3.22 -4.47 -8.85
N PHE A 133 3.60 -5.02 -7.69
CA PHE A 133 2.70 -5.80 -6.86
C PHE A 133 1.48 -5.02 -6.36
N ASN A 134 1.62 -3.70 -6.23
CA ASN A 134 0.55 -2.88 -5.67
C ASN A 134 -0.08 -1.97 -6.71
N ILE A 135 0.17 -2.24 -7.99
CA ILE A 135 -0.39 -1.45 -9.06
C ILE A 135 -1.26 -2.29 -9.98
N GLN A 136 -2.47 -1.81 -10.24
CA GLN A 136 -3.41 -2.50 -11.14
C GLN A 136 -2.83 -2.64 -12.54
N GLN A 137 -2.87 -3.85 -13.07
CA GLN A 137 -2.31 -4.14 -14.39
C GLN A 137 -3.40 -4.32 -15.45
N ASP A 138 -3.48 -3.36 -16.37
CA ASP A 138 -4.44 -3.43 -17.48
C ASP A 138 -3.92 -4.28 -18.63
N CYS A 139 -4.78 -5.13 -19.17
CA CYS A 139 -4.36 -6.13 -20.13
C CYS A 139 -5.02 -5.87 -21.48
N GLY A 140 -5.71 -4.73 -21.57
CA GLY A 140 -6.47 -4.40 -22.76
C GLY A 140 -7.79 -3.78 -22.39
N HIS A 141 -8.40 -3.09 -23.36
CA HIS A 141 -9.63 -2.38 -23.11
C HIS A 141 -10.43 -2.26 -24.41
N PHE A 142 -11.71 -1.92 -24.26
CA PHE A 142 -12.58 -1.65 -25.40
C PHE A 142 -13.87 -1.02 -24.90
N VAL A 143 -14.80 -0.77 -25.81
CA VAL A 143 -16.10 -0.24 -25.43
C VAL A 143 -17.18 -1.28 -25.65
N ALA A 144 -17.93 -1.58 -24.60
CA ALA A 144 -18.97 -2.59 -24.67
C ALA A 144 -20.33 -2.02 -24.26
N SER A 145 -21.38 -2.79 -24.51
CA SER A 145 -22.71 -2.38 -24.11
C SER A 145 -23.18 -3.22 -22.93
N VAL A 146 -23.47 -2.54 -21.82
CA VAL A 146 -23.76 -3.23 -20.57
C VAL A 146 -25.18 -2.96 -20.09
N PRO A 147 -25.91 -4.03 -19.77
CA PRO A 147 -27.21 -3.92 -19.09
C PRO A 147 -27.08 -3.09 -17.81
N SER A 148 -27.95 -2.09 -17.66
CA SER A 148 -27.87 -1.16 -16.53
C SER A 148 -27.96 -1.88 -15.18
N SER A 149 -28.56 -3.06 -15.16
CA SER A 149 -28.68 -3.84 -13.94
C SER A 149 -27.31 -4.31 -13.45
N MET A 150 -26.37 -4.45 -14.36
CA MET A 150 -25.01 -4.89 -14.01
C MET A 150 -24.19 -3.77 -13.41
N LEU A 151 -24.66 -2.53 -13.57
CA LEU A 151 -23.93 -1.37 -13.09
C LEU A 151 -24.27 -1.04 -11.64
N SER A 152 -24.77 -2.03 -10.90
CA SER A 152 -25.08 -1.85 -9.49
C SER A 152 -25.02 -3.19 -8.73
N ALA A 170 -31.55 3.35 -21.71
CA ALA A 170 -31.92 3.27 -20.30
C ALA A 170 -31.71 1.85 -19.76
N GLN A 171 -32.06 0.86 -20.57
CA GLN A 171 -31.88 -0.53 -20.19
C GLN A 171 -30.43 -0.96 -20.35
N GLU A 172 -29.69 -0.24 -21.19
CA GLU A 172 -28.26 -0.51 -21.40
C GLU A 172 -27.46 0.78 -21.55
N GLN A 173 -26.17 0.70 -21.26
CA GLN A 173 -25.27 1.85 -21.36
C GLN A 173 -23.93 1.46 -21.98
N ASP A 174 -23.29 2.41 -22.65
CA ASP A 174 -21.97 2.19 -23.24
C ASP A 174 -20.89 2.46 -22.21
N CYS A 175 -20.09 1.43 -21.90
CA CYS A 175 -19.07 1.54 -20.87
C CYS A 175 -17.70 1.13 -21.37
N VAL A 176 -16.66 1.79 -20.85
CA VAL A 176 -15.29 1.36 -21.13
C VAL A 176 -14.98 0.13 -20.29
N VAL A 177 -14.58 -0.95 -20.96
CA VAL A 177 -14.33 -2.22 -20.28
C VAL A 177 -12.84 -2.57 -20.29
N VAL A 178 -12.24 -2.59 -19.11
CA VAL A 178 -10.82 -2.89 -18.98
C VAL A 178 -10.60 -4.27 -18.34
N ILE A 179 -9.64 -5.02 -18.86
CA ILE A 179 -9.32 -6.34 -18.35
C ILE A 179 -8.17 -6.29 -17.34
N THR A 180 -8.48 -6.62 -16.09
CA THR A 180 -7.53 -6.54 -14.99
C THR A 180 -7.04 -7.94 -14.60
N ARG A 181 -5.79 -8.03 -14.14
CA ARG A 181 -5.22 -9.33 -13.77
C ARG A 181 -5.62 -9.78 -12.37
N GLU A 182 -5.99 -8.83 -11.53
CA GLU A 182 -6.29 -9.14 -10.13
C GLU A 182 -7.76 -8.93 -9.79
N VAL A 183 -8.36 -9.94 -9.16
CA VAL A 183 -9.77 -9.88 -8.78
C VAL A 183 -9.94 -9.35 -7.36
N PRO A 184 -10.54 -8.15 -7.25
CA PRO A 184 -10.71 -7.48 -5.95
C PRO A 184 -11.85 -8.05 -5.11
N HIS A 185 -11.62 -8.16 -3.82
CA HIS A 185 -12.63 -8.61 -2.87
C HIS A 185 -13.51 -7.44 -2.43
N GLN A 186 -12.88 -6.29 -2.21
CA GLN A 186 -13.58 -5.09 -1.82
C GLN A 186 -12.68 -3.88 -2.00
N THR A 187 -13.18 -2.70 -1.67
CA THR A 187 -12.36 -1.51 -1.71
C THR A 187 -11.97 -1.10 -0.29
N ALA A 188 -11.07 -0.13 -0.19
CA ALA A 188 -10.61 0.33 1.12
C ALA A 188 -11.73 1.03 1.87
N SER A 189 -12.59 1.73 1.13
CA SER A 189 -13.72 2.42 1.74
C SER A 189 -14.73 1.41 2.28
N ASP A 190 -14.91 0.31 1.54
CA ASP A 190 -15.77 -0.78 1.98
C ASP A 190 -15.25 -1.34 3.29
N PHE A 191 -13.94 -1.53 3.35
CA PHE A 191 -13.28 -2.04 4.55
C PHE A 191 -13.48 -1.10 5.73
N VAL A 192 -13.26 0.19 5.51
CA VAL A 192 -13.45 1.20 6.56
C VAL A 192 -14.90 1.24 7.04
N ARG A 193 -15.82 1.18 6.07
CA ARG A 193 -17.25 1.24 6.35
C ARG A 193 -17.74 0.10 7.24
N ASP A 194 -17.09 -1.06 7.15
CA ASP A 194 -17.55 -2.26 7.86
C ASP A 194 -16.75 -2.58 9.12
N SER A 195 -15.81 -1.73 9.48
CA SER A 195 -14.88 -2.06 10.55
C SER A 195 -14.83 -1.05 11.70
N ALA A 196 -15.86 -0.21 11.80
CA ALA A 196 -15.91 0.79 12.86
C ALA A 196 -15.95 0.14 14.24
N ALA A 197 -16.85 -0.82 14.41
CA ALA A 197 -17.00 -1.53 15.66
C ALA A 197 -15.73 -2.30 16.01
N SER A 198 -15.14 -2.94 15.00
CA SER A 198 -13.90 -3.68 15.16
C SER A 198 -12.76 -2.77 15.62
N HIS A 199 -12.72 -1.56 15.08
CA HIS A 199 -11.71 -0.58 15.46
C HIS A 199 -11.92 -0.16 16.91
N GLN A 200 -13.18 0.02 17.29
CA GLN A 200 -13.53 0.37 18.66
C GLN A 200 -13.19 -0.77 19.64
N ALA A 201 -13.54 -1.99 19.26
CA ALA A 201 -13.35 -3.15 20.12
C ALA A 201 -11.87 -3.54 20.25
N GLU A 202 -11.20 -3.69 19.11
CA GLU A 202 -9.79 -4.07 19.11
C GLU A 202 -8.94 -3.09 18.29
N PRO A 203 -8.57 -1.95 18.89
CA PRO A 203 -7.84 -0.85 18.24
C PRO A 203 -6.46 -1.23 17.71
N GLU A 204 -5.66 -1.95 18.50
CA GLU A 204 -4.29 -2.25 18.08
C GLU A 204 -4.23 -3.12 16.83
N ALA A 205 -5.15 -4.08 16.74
CA ALA A 205 -5.21 -4.96 15.58
C ALA A 205 -5.59 -4.18 14.33
N TYR A 206 -6.56 -3.29 14.47
CA TYR A 206 -7.05 -2.52 13.33
C TYR A 206 -6.00 -1.53 12.85
N GLU A 207 -5.43 -0.78 13.79
CA GLU A 207 -4.47 0.26 13.44
C GLU A 207 -3.17 -0.32 12.88
N ARG A 208 -2.85 -1.56 13.26
CA ARG A 208 -1.72 -2.24 12.67
C ARG A 208 -2.04 -2.61 11.22
N ARG A 209 -3.29 -3.01 10.99
CA ARG A 209 -3.75 -3.34 9.65
C ARG A 209 -3.68 -2.10 8.75
N VAL A 210 -4.10 -0.96 9.30
CA VAL A 210 -4.04 0.31 8.60
C VAL A 210 -2.60 0.62 8.17
N CYS A 211 -1.65 0.37 9.07
CA CYS A 211 -0.23 0.58 8.76
C CYS A 211 0.26 -0.34 7.63
N PHE A 212 -0.27 -1.56 7.57
CA PHE A 212 0.11 -2.48 6.51
C PHE A 212 -0.45 -2.02 5.16
N LEU A 213 -1.69 -1.57 5.16
CA LEU A 213 -2.31 -1.05 3.94
C LEU A 213 -1.57 0.20 3.47
N LEU A 214 -1.26 1.09 4.41
CA LEU A 214 -0.54 2.32 4.10
C LEU A 214 0.86 2.05 3.56
N LEU A 215 1.51 1.04 4.13
CA LEU A 215 2.82 0.61 3.63
C LEU A 215 2.74 0.17 2.17
N GLN A 216 1.77 -0.69 1.86
CA GLN A 216 1.57 -1.15 0.49
C GLN A 216 1.23 0.01 -0.43
N LEU A 217 0.41 0.93 0.05
CA LEU A 217 0.05 2.14 -0.70
C LEU A 217 1.29 2.96 -1.03
N CYS A 218 2.19 3.08 -0.08
CA CYS A 218 3.42 3.84 -0.28
C CYS A 218 4.32 3.19 -1.32
N ASN A 219 4.39 1.86 -1.29
CA ASN A 219 5.17 1.12 -2.28
C ASN A 219 4.67 1.35 -3.69
N GLY A 220 3.34 1.42 -3.85
CA GLY A 220 2.72 1.65 -5.13
C GLY A 220 2.92 3.06 -5.64
N LEU A 221 2.67 4.03 -4.75
CA LEU A 221 2.83 5.44 -5.08
C LEU A 221 4.26 5.77 -5.47
N GLU A 222 5.21 5.16 -4.76
CA GLU A 222 6.63 5.41 -5.02
C GLU A 222 7.04 4.87 -6.38
N HIS A 223 6.51 3.70 -6.72
CA HIS A 223 6.79 3.08 -8.01
C HIS A 223 6.15 3.87 -9.15
N LEU A 224 5.02 4.51 -8.86
CA LEU A 224 4.35 5.35 -9.83
C LEU A 224 5.11 6.66 -10.05
N LYS A 225 5.57 7.26 -8.96
CA LYS A 225 6.30 8.53 -9.02
C LYS A 225 7.64 8.39 -9.74
N GLU A 226 8.30 7.25 -9.54
CA GLU A 226 9.59 7.00 -10.17
C GLU A 226 9.49 7.00 -11.69
N HIS A 227 8.30 6.70 -12.20
CA HIS A 227 8.11 6.59 -13.63
C HIS A 227 7.11 7.65 -14.13
N GLY A 228 7.09 8.78 -13.45
CA GLY A 228 6.39 9.97 -13.91
C GLY A 228 4.88 9.91 -13.93
N ILE A 229 4.29 9.32 -12.89
CA ILE A 229 2.84 9.30 -12.78
C ILE A 229 2.37 9.79 -11.40
N ILE A 230 1.50 10.80 -11.42
CA ILE A 230 0.90 11.32 -10.18
C ILE A 230 -0.62 11.14 -10.21
N HIS A 231 -1.14 10.34 -9.28
CA HIS A 231 -2.57 10.10 -9.22
C HIS A 231 -3.27 11.30 -8.62
N ARG A 232 -3.90 12.08 -9.51
CA ARG A 232 -4.51 13.36 -9.19
C ARG A 232 -5.61 13.29 -8.13
N ASP A 233 -6.25 12.12 -8.02
CA ASP A 233 -7.17 11.91 -6.91
C ASP A 233 -7.03 10.50 -6.34
N LEU A 234 -6.42 10.42 -5.16
CA LEU A 234 -6.39 9.21 -4.38
C LEU A 234 -7.57 9.22 -3.43
N CYS A 235 -8.37 8.17 -3.45
CA CYS A 235 -9.48 8.04 -2.52
C CYS A 235 -9.60 6.59 -2.09
N LEU A 236 -10.26 6.36 -0.96
CA LEU A 236 -10.42 5.01 -0.44
C LEU A 236 -11.19 4.11 -1.41
N GLU A 237 -12.08 4.71 -2.19
CA GLU A 237 -12.90 3.95 -3.14
C GLU A 237 -12.05 3.35 -4.25
N ASN A 238 -10.90 3.95 -4.53
CA ASN A 238 -10.06 3.51 -5.63
C ASN A 238 -8.89 2.64 -5.18
N LEU A 239 -8.89 2.25 -3.92
CA LEU A 239 -7.88 1.33 -3.40
C LEU A 239 -8.49 -0.05 -3.23
N LEU A 240 -8.03 -1.01 -4.04
CA LEU A 240 -8.64 -2.33 -4.07
C LEU A 240 -7.93 -3.32 -3.16
N LEU A 241 -8.70 -4.02 -2.35
CA LEU A 241 -8.16 -5.08 -1.50
C LEU A 241 -8.36 -6.42 -2.18
N VAL A 242 -7.25 -7.10 -2.46
CA VAL A 242 -7.27 -8.40 -3.14
C VAL A 242 -6.81 -9.52 -2.22
N HIS A 243 -7.47 -10.66 -2.30
CA HIS A 243 -7.05 -11.85 -1.57
C HIS A 243 -5.64 -12.28 -2.00
N CYS A 244 -4.88 -12.83 -1.06
CA CYS A 244 -3.48 -13.17 -1.33
C CYS A 244 -3.01 -14.33 -0.46
N THR A 245 -2.64 -15.45 -1.10
CA THR A 245 -2.10 -16.60 -0.39
C THR A 245 -0.87 -17.16 -1.09
N LEU A 246 -0.08 -17.93 -0.35
CA LEU A 246 1.18 -18.49 -0.84
C LEU A 246 2.13 -17.38 -1.30
N GLN A 294 -6.98 -12.32 7.30
CA GLN A 294 -5.65 -12.29 6.71
C GLN A 294 -5.36 -10.96 6.04
N LEU A 295 -4.08 -10.60 5.93
CA LEU A 295 -3.69 -9.34 5.31
C LEU A 295 -3.89 -9.37 3.80
N PRO A 296 -4.76 -8.49 3.29
CA PRO A 296 -5.03 -8.42 1.86
C PRO A 296 -3.95 -7.69 1.09
N ARG A 297 -3.90 -7.93 -0.22
CA ARG A 297 -3.01 -7.21 -1.11
C ARG A 297 -3.66 -5.90 -1.56
N LEU A 298 -2.98 -4.78 -1.34
CA LEU A 298 -3.51 -3.49 -1.76
C LEU A 298 -3.10 -3.19 -3.18
N ILE A 299 -4.03 -2.64 -3.96
CA ILE A 299 -3.77 -2.32 -5.36
C ILE A 299 -4.36 -0.97 -5.72
N ILE A 300 -3.52 -0.11 -6.30
CA ILE A 300 -3.95 1.21 -6.72
C ILE A 300 -4.56 1.14 -8.12
N SER A 301 -5.85 1.46 -8.22
CA SER A 301 -6.56 1.36 -9.50
C SER A 301 -6.13 2.46 -10.46
N ASN A 302 -6.32 2.20 -11.75
CA ASN A 302 -5.96 3.15 -12.80
C ASN A 302 -7.13 4.06 -13.17
N PHE A 303 -6.81 5.16 -13.85
CA PHE A 303 -7.83 6.13 -14.26
C PHE A 303 -7.96 6.18 -15.77
N LEU A 325 -2.86 29.73 -25.13
CA LEU A 325 -2.25 28.80 -24.21
C LEU A 325 -2.36 29.28 -22.76
N ALA A 326 -3.25 28.66 -22.01
CA ALA A 326 -3.44 28.99 -20.60
C ALA A 326 -2.62 28.06 -19.71
N PRO A 327 -1.73 28.65 -18.89
CA PRO A 327 -0.89 27.85 -17.98
C PRO A 327 -1.74 27.11 -16.93
N GLU A 328 -1.20 26.02 -16.40
CA GLU A 328 -1.92 25.22 -15.41
C GLU A 328 -2.08 25.98 -14.10
N ILE A 329 -3.28 25.92 -13.53
CA ILE A 329 -3.56 26.55 -12.25
C ILE A 329 -2.71 25.91 -11.14
N VAL A 330 -2.44 24.62 -11.29
CA VAL A 330 -1.58 23.90 -10.34
C VAL A 330 -0.25 23.56 -11.00
N SER A 331 0.83 24.04 -10.40
CA SER A 331 2.18 23.83 -10.94
C SER A 331 2.59 22.36 -10.88
N ALA A 332 3.64 22.02 -11.62
CA ALA A 332 4.18 20.67 -11.58
C ALA A 332 4.91 20.43 -10.25
N SER A 333 5.33 21.52 -9.62
CA SER A 333 6.00 21.46 -8.33
C SER A 333 5.08 20.91 -7.24
N GLN A 334 3.86 21.44 -7.16
CA GLN A 334 2.91 21.04 -6.14
C GLN A 334 2.32 19.66 -6.41
N TYR A 335 2.33 19.26 -7.69
CA TYR A 335 1.87 17.94 -8.08
C TYR A 335 2.86 16.87 -7.63
N ARG A 336 4.12 17.27 -7.45
CA ARG A 336 5.17 16.34 -7.03
C ARG A 336 4.98 15.87 -5.59
N LYS A 337 4.45 16.74 -4.74
CA LYS A 337 4.19 16.41 -3.35
C LYS A 337 2.70 16.29 -3.10
N PHE A 338 1.98 15.75 -4.08
CA PHE A 338 0.52 15.69 -4.00
C PHE A 338 0.04 14.36 -3.42
N ASP A 339 0.66 13.26 -3.86
CA ASP A 339 0.33 11.94 -3.33
C ASP A 339 0.55 11.88 -1.83
N GLU A 340 1.58 12.58 -1.37
CA GLU A 340 1.88 12.66 0.05
C GLU A 340 0.76 13.37 0.80
N PHE A 341 0.23 14.43 0.20
CA PHE A 341 -0.82 15.23 0.80
C PHE A 341 -2.11 14.41 0.92
N GLN A 342 -2.46 13.71 -0.16
CA GLN A 342 -3.68 12.92 -0.18
C GLN A 342 -3.58 11.74 0.77
N THR A 343 -2.37 11.18 0.87
CA THR A 343 -2.12 10.06 1.78
C THR A 343 -2.37 10.49 3.22
N GLY A 344 -1.98 11.72 3.54
CA GLY A 344 -2.21 12.28 4.86
C GLY A 344 -3.68 12.38 5.21
N ILE A 345 -4.51 12.71 4.23
CA ILE A 345 -5.96 12.75 4.42
C ILE A 345 -6.50 11.32 4.59
N LEU A 346 -5.96 10.39 3.81
CA LEU A 346 -6.39 9.00 3.86
C LEU A 346 -6.13 8.36 5.22
N ILE A 347 -5.05 8.78 5.89
CA ILE A 347 -4.74 8.27 7.22
C ILE A 347 -5.88 8.58 8.19
N TYR A 348 -6.41 9.80 8.11
CA TYR A 348 -7.58 10.16 8.90
C TYR A 348 -8.78 9.29 8.51
N GLU A 349 -8.99 9.12 7.20
CA GLU A 349 -10.16 8.39 6.72
C GLU A 349 -10.09 6.89 7.03
N LEU A 350 -8.88 6.35 7.11
CA LEU A 350 -8.68 4.94 7.43
C LEU A 350 -8.92 4.67 8.92
N LEU A 351 -8.62 5.67 9.75
CA LEU A 351 -8.78 5.53 11.18
C LEU A 351 -10.15 6.01 11.66
N HIS A 352 -11.11 6.01 10.74
CA HIS A 352 -12.49 6.41 11.01
C HIS A 352 -12.60 7.83 11.56
N GLN A 353 -11.81 8.74 10.98
CA GLN A 353 -11.89 10.16 11.29
C GLN A 353 -12.21 10.92 10.01
N PRO A 354 -12.87 12.08 10.14
CA PRO A 354 -13.22 12.84 8.93
C PRO A 354 -12.04 13.60 8.34
N ASN A 355 -12.12 13.88 7.04
CA ASN A 355 -11.17 14.74 6.37
C ASN A 355 -11.13 16.10 7.08
N PRO A 356 -9.97 16.44 7.67
CA PRO A 356 -9.78 17.68 8.43
C PRO A 356 -10.28 18.92 7.69
N PHE A 357 -9.93 19.04 6.42
CA PHE A 357 -10.30 20.20 5.61
C PHE A 357 -11.80 20.25 5.36
N GLU A 358 -12.45 19.10 5.44
CA GLU A 358 -13.89 19.01 5.20
C GLU A 358 -14.68 19.39 6.44
N VAL A 359 -13.99 19.60 7.55
CA VAL A 359 -14.65 19.83 8.84
C VAL A 359 -14.16 21.12 9.49
N ARG A 360 -12.90 21.48 9.26
CA ARG A 360 -12.36 22.70 9.84
C ARG A 360 -12.17 23.78 8.79
N ALA A 361 -12.96 24.85 8.91
CA ALA A 361 -12.94 25.95 7.95
C ALA A 361 -11.62 26.72 7.98
N GLN A 362 -10.98 26.77 9.16
CA GLN A 362 -9.72 27.50 9.29
C GLN A 362 -8.62 26.87 8.44
N LEU A 363 -8.79 25.60 8.11
CA LEU A 363 -7.82 24.90 7.29
C LEU A 363 -8.01 25.20 5.81
N ARG A 364 -9.22 25.60 5.45
CA ARG A 364 -9.54 25.94 4.06
C ARG A 364 -9.30 27.42 3.76
N GLU A 365 -9.26 28.23 4.81
CA GLU A 365 -9.23 29.69 4.64
C GLU A 365 -7.90 30.31 5.08
N ARG A 366 -7.18 29.62 5.95
CA ARG A 366 -5.93 30.16 6.48
C ARG A 366 -4.74 29.32 6.05
N ASP A 367 -3.55 29.92 6.14
CA ASP A 367 -2.31 29.18 5.96
C ASP A 367 -1.98 28.49 7.27
N TYR A 368 -2.43 27.25 7.39
CA TYR A 368 -2.28 26.49 8.63
C TYR A 368 -0.87 25.97 8.82
N ARG A 369 -0.62 25.41 9.99
CA ARG A 369 0.62 24.72 10.27
C ARG A 369 0.26 23.41 10.96
N GLN A 370 1.21 22.47 11.01
CA GLN A 370 0.97 21.12 11.52
C GLN A 370 0.32 21.11 12.91
N GLU A 371 0.57 22.17 13.68
CA GLU A 371 -0.03 22.33 14.99
C GLU A 371 -1.54 22.52 14.91
N ASP A 372 -2.02 23.07 13.79
CA ASP A 372 -3.45 23.34 13.61
C ASP A 372 -4.24 22.11 13.22
N LEU A 373 -3.54 21.06 12.80
CA LEU A 373 -4.19 19.83 12.35
C LEU A 373 -4.78 19.07 13.53
N PRO A 374 -6.00 18.52 13.36
CA PRO A 374 -6.72 17.82 14.42
C PRO A 374 -5.98 16.57 14.90
N PRO A 375 -6.27 16.11 16.12
CA PRO A 375 -5.61 14.93 16.65
C PRO A 375 -6.40 13.65 16.45
N LEU A 376 -5.80 12.52 16.79
CA LEU A 376 -6.49 11.23 16.75
C LEU A 376 -6.64 10.70 18.16
N PRO A 377 -7.76 10.02 18.44
CA PRO A 377 -7.94 9.38 19.75
C PRO A 377 -6.85 8.34 20.01
N ALA A 378 -6.12 8.50 21.12
CA ALA A 378 -5.06 7.57 21.48
C ALA A 378 -5.65 6.23 21.92
N LEU A 379 -5.83 5.33 20.97
CA LEU A 379 -6.47 4.05 21.25
C LEU A 379 -5.47 2.90 21.25
N SER A 380 -4.31 3.11 20.65
CA SER A 380 -3.28 2.08 20.61
C SER A 380 -1.89 2.69 20.44
N LEU A 381 -0.89 1.80 20.33
CA LEU A 381 0.50 2.22 20.20
C LEU A 381 0.76 2.95 18.89
N TYR A 382 -0.08 2.69 17.89
CA TYR A 382 0.11 3.23 16.56
C TYR A 382 -0.53 4.61 16.39
N SER A 383 -1.49 4.93 17.25
CA SER A 383 -2.23 6.19 17.14
C SER A 383 -1.34 7.45 17.18
N PRO A 384 -0.40 7.55 18.14
CA PRO A 384 0.43 8.75 18.11
C PRO A 384 1.32 8.84 16.87
N GLY A 385 1.95 7.73 16.50
CA GLY A 385 2.83 7.70 15.34
C GLY A 385 2.10 7.96 14.03
N LEU A 386 0.85 7.49 13.95
CA LEU A 386 0.05 7.72 12.76
C LEU A 386 -0.39 9.18 12.67
N GLN A 387 -0.73 9.76 13.81
CA GLN A 387 -1.07 11.18 13.89
C GLN A 387 0.11 12.04 13.46
N GLN A 388 1.29 11.67 13.95
CA GLN A 388 2.52 12.38 13.61
C GLN A 388 2.78 12.30 12.12
N LEU A 389 2.59 11.11 11.54
CA LEU A 389 2.82 10.88 10.13
C LEU A 389 1.85 11.69 9.27
N ALA A 390 0.61 11.78 9.74
CA ALA A 390 -0.40 12.55 9.01
C ALA A 390 -0.04 14.02 8.98
N HIS A 391 0.38 14.55 10.12
CA HIS A 391 0.82 15.94 10.22
C HIS A 391 2.01 16.20 9.31
N LEU A 392 2.94 15.25 9.26
CA LEU A 392 4.12 15.36 8.40
C LEU A 392 3.75 15.36 6.93
N LEU A 393 2.65 14.70 6.59
CA LEU A 393 2.23 14.57 5.20
C LEU A 393 1.31 15.71 4.79
N LEU A 394 0.78 16.42 5.78
CA LEU A 394 -0.17 17.50 5.51
C LEU A 394 0.45 18.87 5.72
N GLU A 395 1.78 18.92 5.77
CA GLU A 395 2.48 20.19 5.93
C GLU A 395 2.18 21.08 4.72
N ALA A 396 1.82 22.33 5.00
CA ALA A 396 1.32 23.24 3.97
C ALA A 396 2.35 23.56 2.89
N ASP A 397 3.61 23.66 3.28
CA ASP A 397 4.68 23.98 2.34
C ASP A 397 5.14 22.72 1.59
N PRO A 398 4.91 22.68 0.27
CA PRO A 398 5.20 21.51 -0.56
C PRO A 398 6.69 21.20 -0.73
N ILE A 399 7.55 21.88 0.02
CA ILE A 399 8.98 21.64 -0.07
C ILE A 399 9.48 21.02 1.23
N LYS A 400 8.99 21.55 2.35
CA LYS A 400 9.39 21.04 3.65
C LYS A 400 8.56 19.78 3.99
N ARG A 401 7.63 19.46 3.09
CA ARG A 401 6.81 18.27 3.27
C ARG A 401 7.60 16.97 3.06
N ILE A 402 7.24 15.96 3.84
CA ILE A 402 7.85 14.64 3.78
C ILE A 402 7.51 13.91 2.48
N ARG A 403 8.51 13.35 1.82
CA ARG A 403 8.26 12.55 0.61
C ARG A 403 7.57 11.23 0.93
N ILE A 404 7.19 10.49 -0.10
CA ILE A 404 6.43 9.26 0.10
C ILE A 404 7.34 8.11 0.57
N GLY A 405 8.62 8.18 0.21
CA GLY A 405 9.58 7.16 0.59
C GLY A 405 9.95 7.25 2.05
N GLU A 406 9.93 8.47 2.59
CA GLU A 406 10.21 8.66 4.01
C GLU A 406 9.04 8.19 4.86
N ALA A 407 7.83 8.37 4.34
CA ALA A 407 6.62 7.90 5.01
C ALA A 407 6.63 6.38 5.08
N LYS A 408 7.13 5.76 4.02
CA LYS A 408 7.28 4.32 3.96
C LYS A 408 8.16 3.82 5.09
N ARG A 409 9.34 4.42 5.23
CA ARG A 409 10.28 4.06 6.29
C ARG A 409 9.71 4.30 7.69
N VAL A 410 8.82 5.29 7.81
CA VAL A 410 8.17 5.59 9.08
C VAL A 410 7.16 4.50 9.44
N LEU A 411 6.34 4.13 8.46
CA LEU A 411 5.38 3.04 8.64
C LEU A 411 6.11 1.74 8.97
N GLN A 412 7.24 1.51 8.30
CA GLN A 412 8.08 0.36 8.60
C GLN A 412 8.52 0.36 10.05
N CYS A 413 8.86 1.55 10.55
CA CYS A 413 9.32 1.70 11.93
C CYS A 413 8.19 1.43 12.92
N LEU A 414 6.98 1.84 12.54
CA LEU A 414 5.80 1.62 13.38
C LEU A 414 5.44 0.14 13.46
N LEU A 415 5.74 -0.61 12.41
CA LEU A 415 5.36 -2.02 12.32
C LEU A 415 6.38 -2.95 12.98
N TRP A 416 7.65 -2.83 12.58
CA TRP A 416 8.70 -3.71 13.09
C TRP A 416 9.84 -2.93 13.73
N GLY A 417 10.02 -1.69 13.28
CA GLY A 417 11.17 -0.88 13.63
C GLY A 417 11.44 -0.71 15.11
N PRO A 418 12.63 -0.18 15.44
CA PRO A 418 13.06 0.01 16.82
C PRO A 418 12.09 0.89 17.58
N ARG A 419 11.74 0.49 18.80
CA ARG A 419 10.86 1.32 19.60
C ARG A 419 11.67 2.28 20.47
N ARG A 420 10.98 3.02 21.33
CA ARG A 420 11.56 4.12 22.09
C ARG A 420 12.86 3.80 22.83
N GLU A 421 12.94 2.58 23.32
CA GLU A 421 14.07 2.11 24.11
C GLU A 421 15.42 2.30 23.42
N ALA A 432 27.14 7.99 17.67
CA ALA A 432 27.61 6.61 17.60
C ALA A 432 26.51 5.63 18.04
N LEU A 433 25.27 6.05 17.89
CA LEU A 433 24.12 5.21 18.19
C LEU A 433 23.88 4.21 17.07
N CYS A 434 24.60 4.42 15.96
CA CYS A 434 24.53 3.54 14.82
C CYS A 434 24.94 2.11 15.16
N GLY A 435 25.94 1.99 16.04
CA GLY A 435 26.41 0.69 16.47
C GLY A 435 25.32 -0.09 17.18
N THR A 436 24.54 0.62 18.00
CA THR A 436 23.41 0.01 18.69
C THR A 436 22.36 -0.43 17.68
N LEU A 437 22.18 0.38 16.64
CA LEU A 437 21.22 0.08 15.59
C LEU A 437 21.69 -1.08 14.71
N HIS A 438 23.00 -1.13 14.47
CA HIS A 438 23.60 -2.24 13.73
C HIS A 438 23.28 -3.57 14.40
N ASN A 439 23.39 -3.60 15.73
CA ASN A 439 23.07 -4.78 16.50
C ASN A 439 21.61 -5.16 16.35
N TRP A 440 20.75 -4.16 16.37
CA TRP A 440 19.31 -4.36 16.25
C TRP A 440 18.96 -4.94 14.88
N ILE A 441 19.58 -4.39 13.85
CA ILE A 441 19.35 -4.87 12.49
C ILE A 441 19.79 -6.33 12.36
N ASP A 442 20.98 -6.62 12.88
CA ASP A 442 21.53 -7.97 12.82
C ASP A 442 20.68 -8.97 13.59
N MET A 443 20.17 -8.57 14.75
CA MET A 443 19.35 -9.46 15.56
C MET A 443 17.99 -9.70 14.90
N LYS A 444 17.43 -8.64 14.32
CA LYS A 444 16.14 -8.76 13.63
C LYS A 444 16.26 -9.62 12.38
N ARG A 445 17.39 -9.54 11.71
CA ARG A 445 17.63 -10.37 10.52
C ARG A 445 17.76 -11.84 10.89
N ALA A 446 18.46 -12.11 11.98
CA ALA A 446 18.68 -13.47 12.43
C ALA A 446 17.36 -14.11 12.86
N LEU A 447 16.51 -13.31 13.49
CA LEU A 447 15.20 -13.77 13.93
C LEU A 447 14.27 -13.98 12.73
N MET A 448 14.50 -13.20 11.68
CA MET A 448 13.72 -13.33 10.46
C MET A 448 14.09 -14.62 9.73
N MET A 449 15.39 -14.87 9.62
CA MET A 449 15.88 -16.10 9.00
C MET A 449 15.43 -17.31 9.80
N MET A 450 15.23 -17.12 11.09
CA MET A 450 14.77 -18.19 11.96
C MET A 450 13.33 -18.55 11.67
N LYS A 451 12.49 -17.53 11.49
CA LYS A 451 11.07 -17.74 11.22
C LYS A 451 10.86 -18.43 9.89
N PHE A 452 11.64 -18.03 8.89
CA PHE A 452 11.56 -18.64 7.57
C PHE A 452 12.05 -20.07 7.58
N ALA A 453 13.13 -20.32 8.30
CA ALA A 453 13.69 -21.67 8.39
C ALA A 453 12.71 -22.62 9.06
N GLU A 454 11.98 -22.11 10.05
CA GLU A 454 10.99 -22.93 10.76
C GLU A 454 9.72 -23.12 9.93
N LYS A 455 9.52 -22.26 8.94
CA LYS A 455 8.39 -22.39 8.04
C LYS A 455 8.62 -23.50 7.01
N ALA A 456 9.89 -23.78 6.75
CA ALA A 456 10.26 -24.78 5.75
C ALA A 456 9.93 -26.19 6.20
N VAL A 457 9.87 -26.38 7.52
CA VAL A 457 9.61 -27.70 8.09
C VAL A 457 8.25 -27.75 8.77
N ASP A 458 7.45 -26.70 8.61
CA ASP A 458 6.12 -26.71 9.17
C ASP A 458 5.08 -26.80 8.06
N ARG A 459 4.23 -27.82 8.11
CA ARG A 459 3.39 -28.12 6.97
C ARG A 459 2.18 -27.19 6.75
N ARG A 460 1.95 -26.22 7.63
CA ARG A 460 0.90 -25.24 7.37
C ARG A 460 1.23 -23.84 7.86
N ARG A 461 2.33 -23.67 8.60
CA ARG A 461 2.95 -22.37 8.61
C ARG A 461 3.65 -22.17 7.26
N GLY A 462 3.35 -21.08 6.60
CA GLY A 462 3.89 -20.81 5.29
C GLY A 462 4.24 -19.35 5.17
N VAL A 463 4.74 -18.95 4.01
CA VAL A 463 5.16 -17.58 3.79
C VAL A 463 3.99 -16.67 3.49
N GLU A 464 3.85 -15.62 4.30
CA GLU A 464 2.76 -14.68 4.16
C GLU A 464 3.24 -13.35 3.56
N LEU A 465 2.29 -12.49 3.19
CA LEU A 465 2.62 -11.17 2.68
C LEU A 465 3.33 -10.32 3.73
N GLU A 466 2.95 -10.50 4.99
CA GLU A 466 3.58 -9.77 6.08
C GLU A 466 5.05 -10.16 6.20
N ASP A 467 5.36 -11.42 5.93
CA ASP A 467 6.74 -11.89 5.96
C ASP A 467 7.56 -11.22 4.87
N TRP A 468 6.98 -11.10 3.68
CA TRP A 468 7.64 -10.46 2.55
C TRP A 468 7.93 -9.00 2.86
N LEU A 469 6.91 -8.26 3.29
CA LEU A 469 7.05 -6.85 3.59
C LEU A 469 8.06 -6.60 4.70
N CYS A 470 8.13 -7.52 5.65
CA CYS A 470 9.08 -7.41 6.76
C CYS A 470 10.50 -7.66 6.26
N CYS A 471 10.64 -8.58 5.31
CA CYS A 471 11.93 -8.87 4.70
C CYS A 471 12.45 -7.68 3.92
N GLN A 472 11.54 -7.00 3.22
CA GLN A 472 11.89 -5.83 2.42
C GLN A 472 12.47 -4.73 3.31
N TYR A 473 11.93 -4.60 4.51
CA TYR A 473 12.38 -3.61 5.46
C TYR A 473 13.76 -3.96 6.02
N LEU A 474 13.91 -5.18 6.51
CA LEU A 474 15.14 -5.62 7.15
C LEU A 474 16.30 -5.74 6.16
N ALA A 475 15.99 -6.07 4.91
CA ALA A 475 17.03 -6.24 3.90
C ALA A 475 17.70 -4.92 3.55
N SER A 476 16.96 -3.83 3.64
CA SER A 476 17.47 -2.52 3.29
C SER A 476 17.67 -1.65 4.53
N ALA A 477 17.60 -2.28 5.70
CA ALA A 477 17.72 -1.56 6.96
C ALA A 477 19.13 -1.01 7.16
N GLU A 478 19.21 0.29 7.41
CA GLU A 478 20.47 0.95 7.73
C GLU A 478 20.28 1.86 8.92
N PRO A 479 21.28 1.93 9.82
CA PRO A 479 21.20 2.75 11.04
C PRO A 479 20.94 4.23 10.73
N GLY A 480 21.47 4.71 9.62
CA GLY A 480 21.26 6.10 9.22
C GLY A 480 19.79 6.40 8.96
N ALA A 481 19.19 5.63 8.07
CA ALA A 481 17.79 5.83 7.69
C ALA A 481 16.83 5.56 8.85
N LEU A 482 17.23 4.68 9.76
CA LEU A 482 16.40 4.38 10.92
C LEU A 482 16.35 5.57 11.86
N LEU A 483 17.49 6.24 12.01
CA LEU A 483 17.57 7.46 12.81
C LEU A 483 16.67 8.55 12.22
N GLN A 484 16.70 8.67 10.89
CA GLN A 484 15.83 9.59 10.17
C GLN A 484 14.38 9.39 10.56
N SER A 485 13.96 8.13 10.59
CA SER A 485 12.57 7.79 10.87
C SER A 485 12.23 7.96 12.34
N LEU A 486 13.22 7.73 13.20
CA LEU A 486 13.01 7.78 14.64
C LEU A 486 12.69 9.19 15.14
N LYS A 487 13.35 10.19 14.59
CA LYS A 487 13.08 11.56 15.04
C LYS A 487 12.08 12.26 14.13
N LEU A 488 11.73 11.64 13.01
CA LEU A 488 10.55 12.04 12.26
C LEU A 488 9.32 11.69 13.07
N LEU A 489 9.42 10.58 13.81
CA LEU A 489 8.39 10.19 14.76
C LEU A 489 8.61 10.93 16.07
N GLN A 490 9.44 11.97 16.01
CA GLN A 490 9.97 12.69 17.16
C GLN A 490 10.16 11.79 18.37
N LEU A 491 10.96 10.73 18.21
CA LEU A 491 11.29 9.83 19.31
C LEU A 491 12.67 10.16 19.87
#